data_7OV7
#
_entry.id   7OV7
#
_cell.length_a   65.792
_cell.length_b   74.150
_cell.length_c   79.733
_cell.angle_alpha   90.000
_cell.angle_beta   90.000
_cell.angle_gamma   90.000
#
_symmetry.space_group_name_H-M   'P 21 21 2'
#
loop_
_entity.id
_entity.type
_entity.pdbx_description
1 polymer Pizza6-S
2 non-polymer 'COPPER (II) ION'
3 non-polymer 'Trilacunary Keggin'
4 non-polymer 'POTASSIUM ION'
5 water water
#
_entity_poly.entity_id   1
_entity_poly.type   'polypeptide(L)'
_entity_poly.pdbx_seq_one_letter_code
;GSHMSNTQTVLPFTGLNTPSGVAVDSAGTVYVTDHGNNRVVKLAAGSNTQTVLPFTGLNTPSGVAVDSAGTVYVTDHGNN
RVVKLAAGSNTQTVLPFTGLNTPSGVAVDSAGTVYVTDHGNNRVVKLAAGSNTQTVLPFTGLNTPSGVAVDSAGTVYVTD
HGNNRVVKLAAGSNTQTVLPFTGLNTPSGVAVDSAGTVYVTDHGNNRVVKLAAGSNTQTVLPFTGLNTPSGVAVDSAGTV
YVTDHGNNRVVKLAAG
;
_entity_poly.pdbx_strand_id   A,B
#
# COMPACT_ATOMS: atom_id res chain seq x y z
N SER A 5 8.10 29.55 7.84
CA SER A 5 8.27 28.87 9.10
C SER A 5 8.96 27.52 8.93
N ASN A 6 9.83 27.18 9.88
CA ASN A 6 10.54 25.91 9.87
C ASN A 6 10.19 25.05 11.08
N THR A 7 9.19 25.43 11.86
CA THR A 7 8.78 24.70 13.04
C THR A 7 7.39 24.12 12.80
N GLN A 8 7.30 22.80 12.81
CA GLN A 8 6.03 22.12 12.62
C GLN A 8 5.37 21.82 13.97
N THR A 9 4.06 21.67 13.93
CA THR A 9 3.27 21.28 15.10
C THR A 9 2.46 20.04 14.77
N VAL A 10 2.23 19.22 15.79
CA VAL A 10 1.44 18.00 15.65
C VAL A 10 0.01 18.30 16.07
N LEU A 11 -0.94 18.00 15.18
CA LEU A 11 -2.33 18.24 15.50
C LEU A 11 -2.79 17.26 16.57
N PRO A 12 -3.59 17.73 17.55
CA PRO A 12 -3.99 16.85 18.66
C PRO A 12 -5.01 15.79 18.26
N PHE A 13 -4.70 15.00 17.24
CA PHE A 13 -5.52 13.85 16.90
C PHE A 13 -5.19 12.69 17.85
N THR A 14 -6.18 11.83 18.08
CA THR A 14 -6.05 10.71 19.00
C THR A 14 -6.54 9.44 18.34
N GLY A 15 -5.86 8.32 18.66
CA GLY A 15 -6.28 7.03 18.15
C GLY A 15 -6.08 6.83 16.66
N LEU A 16 -5.16 7.58 16.05
CA LEU A 16 -4.93 7.44 14.62
C LEU A 16 -4.19 6.14 14.31
N ASN A 17 -4.65 5.44 13.28
CA ASN A 17 -4.03 4.21 12.82
C ASN A 17 -3.83 4.34 11.31
N THR A 18 -2.59 4.65 10.91
CA THR A 18 -2.22 4.81 9.51
C THR A 18 -3.07 5.90 8.84
N PRO A 19 -2.83 7.17 9.14
CA PRO A 19 -3.56 8.23 8.42
C PRO A 19 -3.17 8.24 6.95
N SER A 20 -4.19 8.28 6.08
CA SER A 20 -3.98 8.14 4.65
C SER A 20 -4.15 9.44 3.87
N GLY A 21 -5.15 10.26 4.21
CA GLY A 21 -5.38 11.49 3.50
C GLY A 21 -5.71 12.62 4.46
N VAL A 22 -5.58 13.84 3.96
CA VAL A 22 -5.84 15.05 4.74
C VAL A 22 -6.50 16.09 3.85
N ALA A 23 -7.46 16.82 4.41
CA ALA A 23 -8.12 17.91 3.71
C ALA A 23 -8.45 19.00 4.73
N VAL A 24 -8.52 20.23 4.25
CA VAL A 24 -8.80 21.38 5.10
C VAL A 24 -9.79 22.29 4.38
N ASP A 25 -10.76 22.83 5.12
CA ASP A 25 -11.79 23.66 4.55
C ASP A 25 -11.50 25.14 4.82
N SER A 26 -12.46 26.01 4.48
CA SER A 26 -12.26 27.44 4.64
C SER A 26 -12.14 27.85 6.11
N ALA A 27 -12.79 27.12 7.00
CA ALA A 27 -12.79 27.47 8.41
C ALA A 27 -11.60 26.90 9.18
N GLY A 28 -10.71 26.20 8.50
CA GLY A 28 -9.55 25.61 9.14
C GLY A 28 -9.76 24.21 9.70
N THR A 29 -10.94 23.64 9.53
CA THR A 29 -11.19 22.28 10.00
C THR A 29 -10.39 21.28 9.17
N VAL A 30 -9.68 20.38 9.85
CA VAL A 30 -8.81 19.41 9.20
C VAL A 30 -9.49 18.05 9.21
N TYR A 31 -9.72 17.48 8.03
CA TYR A 31 -10.31 16.17 7.88
C TYR A 31 -9.23 15.16 7.52
N VAL A 32 -9.25 14.00 8.18
CA VAL A 32 -8.23 12.98 8.01
C VAL A 32 -8.90 11.62 7.87
N THR A 33 -8.51 10.88 6.82
CA THR A 33 -8.99 9.51 6.66
C THR A 33 -8.11 8.57 7.48
N ASP A 34 -8.76 7.76 8.31
CA ASP A 34 -8.07 6.79 9.17
C ASP A 34 -8.13 5.42 8.49
N HIS A 35 -7.05 5.08 7.77
CA HIS A 35 -6.98 3.80 7.07
C HIS A 35 -7.21 2.64 8.03
N GLY A 36 -6.41 2.55 9.09
CA GLY A 36 -6.48 1.42 9.99
C GLY A 36 -7.73 1.34 10.84
N ASN A 37 -8.52 2.42 10.90
CA ASN A 37 -9.70 2.46 11.74
C ASN A 37 -11.00 2.57 10.95
N ASN A 38 -10.94 2.60 9.62
CA ASN A 38 -12.11 2.64 8.76
C ASN A 38 -13.05 3.77 9.15
N ARG A 39 -12.47 4.95 9.35
CA ARG A 39 -13.24 6.10 9.79
C ARG A 39 -12.60 7.38 9.24
N VAL A 40 -13.36 8.46 9.31
CA VAL A 40 -12.88 9.79 8.95
C VAL A 40 -13.11 10.70 10.14
N VAL A 41 -12.05 11.31 10.65
CA VAL A 41 -12.12 12.19 11.80
C VAL A 41 -11.83 13.61 11.36
N LYS A 42 -12.37 14.57 12.11
CA LYS A 42 -12.12 15.98 11.82
C LYS A 42 -11.82 16.70 13.12
N LEU A 43 -11.10 17.82 13.00
CA LEU A 43 -10.66 18.60 14.14
C LEU A 43 -10.82 20.08 13.82
N ALA A 44 -11.67 20.77 14.57
CA ALA A 44 -11.89 22.19 14.35
C ALA A 44 -10.63 22.98 14.69
N ALA A 45 -10.53 24.17 14.11
CA ALA A 45 -9.38 25.03 14.32
C ALA A 45 -9.29 25.45 15.78
N GLY A 46 -8.17 25.11 16.42
CA GLY A 46 -7.97 25.39 17.83
C GLY A 46 -8.51 24.34 18.77
N SER A 47 -9.35 23.42 18.28
CA SER A 47 -9.94 22.41 19.14
C SER A 47 -8.95 21.28 19.40
N ASN A 48 -9.29 20.45 20.38
CA ASN A 48 -8.40 19.39 20.79
C ASN A 48 -9.11 18.04 20.92
N THR A 49 -10.42 18.00 20.76
CA THR A 49 -11.22 16.77 20.78
C THR A 49 -11.77 16.56 19.37
N GLN A 50 -11.25 15.56 18.66
CA GLN A 50 -11.74 15.27 17.33
C GLN A 50 -13.14 14.67 17.38
N THR A 51 -13.84 14.75 16.25
CA THR A 51 -15.14 14.14 16.07
C THR A 51 -15.09 13.18 14.89
N VAL A 52 -15.82 12.07 14.99
CA VAL A 52 -15.85 11.07 13.94
C VAL A 52 -17.03 11.38 13.02
N LEU A 53 -16.76 11.45 11.72
CA LEU A 53 -17.80 11.77 10.76
C LEU A 53 -18.76 10.58 10.61
N PRO A 54 -20.06 10.85 10.40
CA PRO A 54 -21.08 9.80 10.34
C PRO A 54 -21.10 9.00 9.04
N PHE A 55 -19.92 8.57 8.59
CA PHE A 55 -19.83 7.66 7.46
C PHE A 55 -20.19 6.26 7.91
N THR A 56 -20.66 5.44 6.96
CA THR A 56 -21.09 4.09 7.25
C THR A 56 -20.46 3.11 6.26
N GLY A 57 -20.01 1.96 6.77
CA GLY A 57 -19.50 0.91 5.92
C GLY A 57 -18.17 1.18 5.27
N LEU A 58 -17.36 2.08 5.83
CA LEU A 58 -16.07 2.39 5.24
C LEU A 58 -15.13 1.20 5.33
N ASN A 59 -14.34 1.00 4.28
CA ASN A 59 -13.35 -0.06 4.21
C ASN A 59 -12.07 0.54 3.64
N THR A 60 -11.08 0.78 4.51
CA THR A 60 -9.81 1.40 4.14
C THR A 60 -10.03 2.73 3.45
N PRO A 61 -10.42 3.79 4.15
CA PRO A 61 -10.49 5.11 3.53
C PRO A 61 -9.11 5.59 3.12
N SER A 62 -8.96 5.97 1.86
CA SER A 62 -7.66 6.29 1.29
C SER A 62 -7.47 7.77 0.99
N GLY A 63 -8.52 8.49 0.61
CA GLY A 63 -8.39 9.89 0.29
C GLY A 63 -9.60 10.66 0.74
N VAL A 64 -9.40 11.97 0.95
CA VAL A 64 -10.45 12.86 1.42
C VAL A 64 -10.31 14.20 0.73
N ALA A 65 -11.45 14.84 0.48
CA ALA A 65 -11.50 16.18 -0.09
C ALA A 65 -12.78 16.86 0.39
N VAL A 66 -12.71 18.18 0.52
CA VAL A 66 -13.86 18.98 0.96
C VAL A 66 -13.98 20.18 0.04
N ASP A 67 -15.21 20.49 -0.36
CA ASP A 67 -15.48 21.60 -1.25
C ASP A 67 -15.86 22.84 -0.44
N SER A 68 -16.23 23.92 -1.14
CA SER A 68 -16.59 25.16 -0.46
C SER A 68 -17.91 25.05 0.30
N ALA A 69 -18.76 24.11 -0.07
CA ALA A 69 -20.05 23.93 0.60
C ALA A 69 -19.96 23.02 1.82
N GLY A 70 -18.75 22.58 2.20
CA GLY A 70 -18.59 21.72 3.34
C GLY A 70 -18.81 20.24 3.08
N THR A 71 -19.11 19.86 1.84
CA THR A 71 -19.30 18.45 1.53
C THR A 71 -17.97 17.72 1.55
N VAL A 72 -17.92 16.58 2.23
CA VAL A 72 -16.71 15.79 2.39
C VAL A 72 -16.79 14.57 1.48
N TYR A 73 -15.75 14.38 0.67
CA TYR A 73 -15.68 13.27 -0.27
C TYR A 73 -14.57 12.31 0.16
N VAL A 74 -14.87 11.01 0.12
CA VAL A 74 -13.94 9.99 0.62
C VAL A 74 -13.87 8.85 -0.39
N THR A 75 -12.66 8.45 -0.75
CA THR A 75 -12.45 7.27 -1.57
C THR A 75 -12.36 6.04 -0.67
N ASP A 76 -13.20 5.05 -0.94
CA ASP A 76 -13.26 3.81 -0.17
C ASP A 76 -12.43 2.74 -0.90
N HIS A 77 -11.18 2.59 -0.48
CA HIS A 77 -10.28 1.63 -1.10
C HIS A 77 -10.87 0.22 -1.07
N GLY A 78 -11.22 -0.26 0.12
CA GLY A 78 -11.69 -1.63 0.26
C GLY A 78 -13.03 -1.92 -0.40
N ASN A 79 -13.80 -0.88 -0.72
CA ASN A 79 -15.12 -1.05 -1.30
C ASN A 79 -15.19 -0.59 -2.75
N ASN A 80 -14.09 -0.07 -3.31
CA ASN A 80 -14.03 0.36 -4.70
C ASN A 80 -15.15 1.35 -5.03
N ARG A 81 -15.34 2.30 -4.13
CA ARG A 81 -16.43 3.27 -4.27
C ARG A 81 -15.98 4.60 -3.70
N VAL A 82 -16.74 5.65 -4.04
CA VAL A 82 -16.51 6.99 -3.53
C VAL A 82 -17.81 7.48 -2.89
N VAL A 83 -17.72 7.93 -1.65
CA VAL A 83 -18.88 8.38 -0.89
C VAL A 83 -18.71 9.85 -0.55
N LYS A 84 -19.82 10.54 -0.36
CA LYS A 84 -19.81 11.95 0.01
C LYS A 84 -20.79 12.20 1.13
N LEU A 85 -20.53 13.25 1.91
CA LEU A 85 -21.33 13.59 3.07
C LEU A 85 -21.54 15.10 3.07
N ALA A 86 -22.79 15.52 2.84
CA ALA A 86 -23.11 16.94 2.86
C ALA A 86 -23.00 17.49 4.28
N ALA A 87 -22.80 18.80 4.37
CA ALA A 87 -22.68 19.45 5.68
C ALA A 87 -23.99 19.34 6.45
N GLY A 88 -23.87 18.92 7.71
CA GLY A 88 -25.03 18.77 8.56
C GLY A 88 -25.87 17.53 8.32
N SER A 89 -25.49 16.69 7.36
CA SER A 89 -26.23 15.48 7.04
C SER A 89 -25.58 14.27 7.71
N ASN A 90 -26.41 13.29 8.05
CA ASN A 90 -25.94 12.04 8.62
C ASN A 90 -26.18 10.85 7.70
N THR A 91 -26.50 11.11 6.44
CA THR A 91 -26.74 10.06 5.45
C THR A 91 -25.79 10.28 4.29
N GLN A 92 -24.83 9.37 4.13
CA GLN A 92 -23.87 9.49 3.05
C GLN A 92 -24.53 9.15 1.72
N THR A 93 -23.82 9.47 0.64
CA THR A 93 -24.28 9.20 -0.72
C THR A 93 -23.12 8.62 -1.52
N VAL A 94 -23.35 7.47 -2.14
CA VAL A 94 -22.34 6.85 -3.00
C VAL A 94 -22.41 7.50 -4.37
N LEU A 95 -21.33 8.13 -4.80
CA LEU A 95 -21.30 8.77 -6.11
C LEU A 95 -21.37 7.72 -7.20
N PRO A 96 -22.05 8.00 -8.32
CA PRO A 96 -22.26 7.01 -9.38
C PRO A 96 -21.03 6.76 -10.25
N PHE A 97 -19.88 6.59 -9.61
CA PHE A 97 -18.70 6.10 -10.31
C PHE A 97 -18.86 4.62 -10.62
N THR A 98 -18.19 4.17 -11.68
CA THR A 98 -18.28 2.79 -12.12
C THR A 98 -16.90 2.25 -12.45
N GLY A 99 -16.75 0.94 -12.35
CA GLY A 99 -15.51 0.27 -12.74
C GLY A 99 -14.30 0.68 -11.94
N LEU A 100 -14.50 1.14 -10.70
CA LEU A 100 -13.38 1.59 -9.88
C LEU A 100 -12.58 0.40 -9.36
N ASN A 101 -11.26 0.54 -9.42
CA ASN A 101 -10.34 -0.47 -8.88
C ASN A 101 -9.36 0.25 -7.97
N THR A 102 -9.57 0.14 -6.66
CA THR A 102 -8.72 0.76 -5.65
C THR A 102 -8.65 2.26 -5.83
N PRO A 103 -9.72 3.01 -5.54
CA PRO A 103 -9.63 4.47 -5.61
C PRO A 103 -8.65 4.99 -4.56
N SER A 104 -7.71 5.83 -5.00
CA SER A 104 -6.62 6.28 -4.16
C SER A 104 -6.68 7.76 -3.79
N GLY A 105 -7.24 8.61 -4.65
CA GLY A 105 -7.29 10.03 -4.38
C GLY A 105 -8.58 10.64 -4.90
N VAL A 106 -8.93 11.79 -4.33
CA VAL A 106 -10.14 12.50 -4.70
C VAL A 106 -9.86 13.99 -4.65
N ALA A 107 -10.42 14.73 -5.62
CA ALA A 107 -10.31 16.18 -5.66
C ALA A 107 -11.60 16.75 -6.22
N VAL A 108 -11.94 17.96 -5.81
CA VAL A 108 -13.15 18.65 -6.25
C VAL A 108 -12.79 20.07 -6.63
N ASP A 109 -13.26 20.51 -7.80
CA ASP A 109 -12.93 21.83 -8.31
C ASP A 109 -14.02 22.83 -7.94
N SER A 110 -13.94 24.03 -8.53
CA SER A 110 -14.88 25.10 -8.19
C SER A 110 -16.30 24.78 -8.65
N ALA A 111 -16.45 24.00 -9.72
CA ALA A 111 -17.76 23.68 -10.28
C ALA A 111 -18.38 22.43 -9.68
N GLY A 112 -17.76 21.85 -8.65
CA GLY A 112 -18.28 20.65 -8.03
C GLY A 112 -17.93 19.36 -8.73
N THR A 113 -17.09 19.41 -9.76
CA THR A 113 -16.67 18.19 -10.44
C THR A 113 -15.72 17.41 -9.53
N VAL A 114 -15.96 16.10 -9.41
CA VAL A 114 -15.18 15.23 -8.54
C VAL A 114 -14.21 14.42 -9.39
N TYR A 115 -12.92 14.49 -9.06
CA TYR A 115 -11.88 13.76 -9.75
C TYR A 115 -11.36 12.65 -8.85
N VAL A 116 -11.15 11.47 -9.42
CA VAL A 116 -10.75 10.28 -8.66
C VAL A 116 -9.65 9.54 -9.42
N THR A 117 -8.55 9.25 -8.74
CA THR A 117 -7.49 8.44 -9.32
C THR A 117 -7.83 6.96 -9.15
N ASP A 118 -7.80 6.23 -10.26
CA ASP A 118 -8.10 4.80 -10.27
C ASP A 118 -6.77 4.05 -10.28
N HIS A 119 -6.31 3.70 -9.07
CA HIS A 119 -5.04 2.99 -8.90
C HIS A 119 -4.98 1.74 -9.77
N GLY A 120 -5.93 0.83 -9.56
CA GLY A 120 -5.90 -0.46 -10.24
C GLY A 120 -6.14 -0.40 -11.74
N ASN A 121 -6.63 0.73 -12.25
CA ASN A 121 -6.95 0.86 -13.66
C ASN A 121 -6.05 1.83 -14.40
N ASN A 122 -5.09 2.45 -13.72
CA ASN A 122 -4.11 3.35 -14.34
C ASN A 122 -4.81 4.47 -15.12
N ARG A 123 -5.79 5.10 -14.47
CA ARG A 123 -6.57 6.14 -15.12
C ARG A 123 -7.10 7.10 -14.07
N VAL A 124 -7.51 8.27 -14.53
CA VAL A 124 -8.18 9.27 -13.69
C VAL A 124 -9.55 9.54 -14.29
N VAL A 125 -10.58 9.40 -13.48
CA VAL A 125 -11.95 9.62 -13.92
C VAL A 125 -12.52 10.83 -13.20
N LYS A 126 -13.53 11.44 -13.80
CA LYS A 126 -14.16 12.61 -13.22
C LYS A 126 -15.68 12.51 -13.41
N LEU A 127 -16.40 13.20 -12.53
CA LEU A 127 -17.86 13.18 -12.54
C LEU A 127 -18.36 14.60 -12.34
N ALA A 128 -19.07 15.12 -13.34
CA ALA A 128 -19.65 16.45 -13.22
C ALA A 128 -20.74 16.46 -12.16
N ALA A 129 -21.02 17.66 -11.64
CA ALA A 129 -22.02 17.82 -10.60
C ALA A 129 -23.39 17.40 -11.11
N GLY A 130 -24.00 16.42 -10.44
CA GLY A 130 -25.30 15.91 -10.82
C GLY A 130 -25.31 14.93 -11.97
N SER A 131 -24.16 14.63 -12.55
CA SER A 131 -24.10 13.70 -13.67
C SER A 131 -24.17 12.26 -13.18
N ASN A 132 -24.65 11.38 -14.06
CA ASN A 132 -24.77 9.96 -13.75
C ASN A 132 -23.66 9.12 -14.35
N THR A 133 -22.99 9.60 -15.40
CA THR A 133 -21.94 8.86 -16.07
C THR A 133 -20.61 9.59 -15.91
N GLN A 134 -19.55 8.83 -15.70
CA GLN A 134 -18.22 9.39 -15.55
C GLN A 134 -17.52 9.49 -16.90
N THR A 135 -16.45 10.27 -16.93
CA THR A 135 -15.59 10.39 -18.10
C THR A 135 -14.15 10.15 -17.68
N VAL A 136 -13.35 9.63 -18.61
CA VAL A 136 -11.95 9.32 -18.35
C VAL A 136 -11.10 10.48 -18.86
N LEU A 137 -10.20 10.96 -18.01
CA LEU A 137 -9.33 12.06 -18.39
C LEU A 137 -8.27 11.57 -19.38
N PRO A 138 -7.90 12.40 -20.37
CA PRO A 138 -6.96 11.99 -21.40
C PRO A 138 -5.50 11.93 -20.94
N PHE A 139 -5.27 11.28 -19.80
CA PHE A 139 -3.92 10.99 -19.36
C PHE A 139 -3.39 9.76 -20.08
N THR A 140 -2.06 9.67 -20.17
CA THR A 140 -1.41 8.55 -20.82
C THR A 140 -0.23 8.09 -19.99
N GLY A 141 0.07 6.78 -20.06
CA GLY A 141 1.23 6.23 -19.41
C GLY A 141 1.22 6.25 -17.91
N LEU A 142 0.05 6.37 -17.30
CA LEU A 142 -0.04 6.43 -15.84
C LEU A 142 0.30 5.07 -15.23
N ASN A 143 1.21 5.05 -14.29
CA ASN A 143 1.55 3.84 -13.55
C ASN A 143 1.14 4.06 -12.10
N THR A 144 0.00 3.47 -11.72
CA THR A 144 -0.52 3.54 -10.35
C THR A 144 -0.76 4.99 -9.93
N PRO A 145 -1.78 5.65 -10.46
CA PRO A 145 -2.11 7.00 -9.96
C PRO A 145 -2.52 6.96 -8.50
N SER A 146 -1.87 7.79 -7.68
CA SER A 146 -2.05 7.76 -6.24
C SER A 146 -2.72 9.00 -5.67
N GLY A 147 -2.53 10.17 -6.29
CA GLY A 147 -3.14 11.38 -5.79
C GLY A 147 -3.58 12.26 -6.95
N VAL A 148 -4.51 13.17 -6.64
CA VAL A 148 -5.09 14.07 -7.62
C VAL A 148 -5.37 15.42 -6.98
N ALA A 149 -5.18 16.48 -7.75
CA ALA A 149 -5.49 17.83 -7.30
C ALA A 149 -5.88 18.66 -8.51
N VAL A 150 -6.70 19.70 -8.28
CA VAL A 150 -7.18 20.56 -9.34
C VAL A 150 -7.13 22.01 -8.86
N ASP A 151 -6.61 22.90 -9.69
CA ASP A 151 -6.45 24.30 -9.30
C ASP A 151 -7.64 25.12 -9.80
N SER A 152 -7.54 26.44 -9.66
CA SER A 152 -8.65 27.32 -10.03
C SER A 152 -8.83 27.43 -11.53
N ALA A 153 -7.84 27.02 -12.32
CA ALA A 153 -7.94 27.06 -13.76
C ALA A 153 -8.45 25.75 -14.36
N GLY A 154 -8.75 24.75 -13.52
CA GLY A 154 -9.19 23.46 -14.01
C GLY A 154 -8.09 22.49 -14.35
N THR A 155 -6.83 22.87 -14.16
CA THR A 155 -5.72 21.96 -14.43
C THR A 155 -5.67 20.85 -13.39
N VAL A 156 -5.57 19.62 -13.86
CA VAL A 156 -5.58 18.44 -13.00
C VAL A 156 -4.16 17.93 -12.82
N TYR A 157 -3.73 17.79 -11.57
CA TYR A 157 -2.41 17.29 -11.23
C TYR A 157 -2.54 15.90 -10.64
N VAL A 158 -1.70 14.97 -11.10
CA VAL A 158 -1.78 13.57 -10.69
C VAL A 158 -0.37 13.08 -10.36
N THR A 159 -0.22 12.45 -9.19
CA THR A 159 1.04 11.81 -8.84
C THR A 159 1.10 10.42 -9.47
N ASP A 160 2.16 10.16 -10.23
CA ASP A 160 2.38 8.88 -10.87
C ASP A 160 3.29 8.05 -9.98
N HIS A 161 2.67 7.22 -9.13
CA HIS A 161 3.42 6.38 -8.19
C HIS A 161 4.43 5.51 -8.92
N GLY A 162 3.97 4.71 -9.88
CA GLY A 162 4.85 3.76 -10.55
C GLY A 162 5.88 4.40 -11.47
N ASN A 163 5.73 5.68 -11.80
CA ASN A 163 6.65 6.36 -12.69
C ASN A 163 7.48 7.43 -12.00
N ASN A 164 7.28 7.64 -10.70
CA ASN A 164 8.07 8.60 -9.91
C ASN A 164 8.04 9.99 -10.53
N ARG A 165 6.84 10.44 -10.89
CA ARG A 165 6.66 11.72 -11.54
C ARG A 165 5.29 12.28 -11.20
N VAL A 166 5.11 13.56 -11.48
CA VAL A 166 3.83 14.24 -11.34
C VAL A 166 3.47 14.83 -12.69
N VAL A 167 2.32 14.44 -13.23
CA VAL A 167 1.85 14.94 -14.51
C VAL A 167 0.69 15.90 -14.27
N LYS A 168 0.48 16.79 -15.23
CA LYS A 168 -0.61 17.73 -15.16
C LYS A 168 -1.28 17.84 -16.52
N LEU A 169 -2.53 18.32 -16.50
CA LEU A 169 -3.35 18.36 -17.71
C LEU A 169 -4.23 19.60 -17.61
N ALA A 170 -4.01 20.56 -18.49
CA ALA A 170 -4.82 21.77 -18.49
C ALA A 170 -6.24 21.46 -18.92
N ALA A 171 -7.15 22.36 -18.55
CA ALA A 171 -8.57 22.17 -18.87
C ALA A 171 -8.78 22.18 -20.38
N GLY A 172 -9.50 21.19 -20.88
CA GLY A 172 -9.74 21.08 -22.30
C GLY A 172 -8.55 20.66 -23.12
N SER A 173 -7.43 20.33 -22.49
CA SER A 173 -6.23 19.93 -23.18
C SER A 173 -6.08 18.43 -23.20
N ASN A 174 -5.49 17.91 -24.29
CA ASN A 174 -5.18 16.50 -24.42
C ASN A 174 -3.68 16.24 -24.42
N THR A 175 -2.88 17.22 -24.05
CA THR A 175 -1.42 17.10 -24.01
C THR A 175 -0.99 17.24 -22.55
N GLN A 176 -0.51 16.16 -21.96
CA GLN A 176 -0.04 16.17 -20.59
C GLN A 176 1.44 16.55 -20.54
N THR A 177 1.84 17.18 -19.44
CA THR A 177 3.22 17.59 -19.24
C THR A 177 3.71 17.07 -17.89
N VAL A 178 5.00 16.76 -17.83
CA VAL A 178 5.62 16.27 -16.61
C VAL A 178 6.21 17.45 -15.86
N LEU A 179 5.80 17.61 -14.60
CA LEU A 179 6.32 18.70 -13.79
C LEU A 179 7.81 18.49 -13.50
N PRO A 180 8.61 19.56 -13.46
CA PRO A 180 10.06 19.43 -13.26
C PRO A 180 10.47 19.11 -11.82
N PHE A 181 9.83 18.11 -11.23
CA PHE A 181 10.27 17.59 -9.95
C PHE A 181 11.48 16.68 -10.15
N THR A 182 12.39 16.71 -9.17
CA THR A 182 13.63 15.96 -9.25
C THR A 182 13.78 15.06 -8.03
N GLY A 183 14.34 13.86 -8.25
CA GLY A 183 14.59 12.95 -7.16
C GLY A 183 13.34 12.35 -6.53
N LEU A 184 12.23 12.32 -7.25
CA LEU A 184 10.99 11.79 -6.69
C LEU A 184 11.09 10.28 -6.55
N ASN A 185 10.72 9.78 -5.36
CA ASN A 185 10.68 8.36 -5.08
C ASN A 185 9.30 8.03 -4.54
N THR A 186 8.46 7.43 -5.40
CA THR A 186 7.10 7.02 -5.04
C THR A 186 6.26 8.20 -4.55
N PRO A 187 5.86 9.11 -5.44
CA PRO A 187 4.96 10.19 -5.01
C PRO A 187 3.60 9.63 -4.62
N SER A 188 3.09 10.09 -3.48
CA SER A 188 1.84 9.57 -2.92
C SER A 188 0.70 10.58 -2.95
N GLY A 189 0.94 11.82 -2.51
CA GLY A 189 -0.10 12.82 -2.45
C GLY A 189 0.30 14.09 -3.16
N VAL A 190 -0.71 14.85 -3.56
CA VAL A 190 -0.51 16.10 -4.29
C VAL A 190 -1.57 17.09 -3.88
N ALA A 191 -1.18 18.37 -3.83
CA ALA A 191 -2.10 19.46 -3.54
C ALA A 191 -1.59 20.72 -4.23
N VAL A 192 -2.53 21.60 -4.58
CA VAL A 192 -2.19 22.86 -5.23
C VAL A 192 -3.03 23.97 -4.60
N ASP A 193 -2.40 25.11 -4.35
CA ASP A 193 -3.07 26.24 -3.72
C ASP A 193 -3.59 27.21 -4.78
N SER A 194 -4.24 28.27 -4.32
CA SER A 194 -4.79 29.27 -5.24
C SER A 194 -3.70 30.07 -5.95
N ALA A 195 -2.44 29.96 -5.51
CA ALA A 195 -1.33 30.65 -6.16
C ALA A 195 -0.64 29.78 -7.21
N GLY A 196 -1.08 28.53 -7.38
CA GLY A 196 -0.49 27.65 -8.38
C GLY A 196 0.67 26.82 -7.89
N THR A 197 1.04 26.93 -6.62
CA THR A 197 2.14 26.12 -6.08
C THR A 197 1.68 24.68 -5.89
N VAL A 198 2.47 23.74 -6.39
CA VAL A 198 2.16 22.31 -6.31
C VAL A 198 2.97 21.70 -5.17
N TYR A 199 2.28 20.99 -4.28
CA TYR A 199 2.89 20.33 -3.14
C TYR A 199 2.76 18.83 -3.30
N VAL A 200 3.86 18.10 -3.12
CA VAL A 200 3.90 16.66 -3.37
C VAL A 200 4.61 15.98 -2.20
N THR A 201 3.99 14.95 -1.65
CA THR A 201 4.61 14.13 -0.61
C THR A 201 5.45 13.04 -1.27
N ASP A 202 6.70 12.91 -0.83
CA ASP A 202 7.63 11.91 -1.34
C ASP A 202 7.65 10.75 -0.36
N HIS A 203 6.88 9.70 -0.68
CA HIS A 203 6.82 8.51 0.18
C HIS A 203 8.20 7.91 0.38
N GLY A 204 8.91 7.61 -0.71
CA GLY A 204 10.19 6.93 -0.62
C GLY A 204 11.31 7.78 -0.04
N ASN A 205 11.11 9.09 0.07
CA ASN A 205 12.15 9.98 0.58
C ASN A 205 11.78 10.64 1.91
N ASN A 206 10.58 10.39 2.43
CA ASN A 206 10.14 10.94 3.71
C ASN A 206 10.26 12.46 3.74
N ARG A 207 9.83 13.10 2.65
CA ARG A 207 9.94 14.55 2.52
C ARG A 207 8.75 15.07 1.74
N VAL A 208 8.53 16.38 1.83
CA VAL A 208 7.48 17.07 1.10
C VAL A 208 8.13 18.19 0.30
N VAL A 209 7.97 18.14 -1.02
CA VAL A 209 8.56 19.13 -1.91
C VAL A 209 7.45 20.00 -2.49
N LYS A 210 7.82 21.21 -2.88
CA LYS A 210 6.88 22.14 -3.50
C LYS A 210 7.54 22.82 -4.69
N LEU A 211 6.71 23.25 -5.63
CA LEU A 211 7.18 23.88 -6.86
C LEU A 211 6.24 25.02 -7.20
N ALA A 212 6.76 26.25 -7.22
CA ALA A 212 5.93 27.40 -7.57
C ALA A 212 5.57 27.36 -9.05
N ALA A 213 4.49 28.07 -9.38
CA ALA A 213 4.03 28.12 -10.76
C ALA A 213 5.08 28.75 -11.67
N GLY A 214 5.38 28.09 -12.77
CA GLY A 214 6.38 28.56 -13.71
C GLY A 214 7.81 28.35 -13.28
N SER A 215 8.05 27.71 -12.15
CA SER A 215 9.39 27.47 -11.64
C SER A 215 9.88 26.09 -12.06
N ASN A 216 11.21 25.96 -12.17
CA ASN A 216 11.84 24.70 -12.51
C ASN A 216 12.74 24.18 -11.40
N THR A 217 12.67 24.77 -10.21
CA THR A 217 13.48 24.36 -9.08
C THR A 217 12.57 24.10 -7.88
N GLN A 218 12.56 22.86 -7.42
CA GLN A 218 11.72 22.49 -6.29
C GLN A 218 12.35 22.93 -4.98
N THR A 219 11.54 22.92 -3.92
CA THR A 219 11.99 23.29 -2.58
C THR A 219 11.47 22.27 -1.59
N VAL A 220 12.37 21.72 -0.79
CA VAL A 220 11.99 20.74 0.23
C VAL A 220 11.50 21.49 1.47
N LEU A 221 10.26 21.22 1.86
CA LEU A 221 9.70 21.89 3.03
C LEU A 221 10.38 21.36 4.30
N PRO A 222 10.65 22.23 5.28
CA PRO A 222 11.38 21.85 6.49
C PRO A 222 10.56 21.05 7.50
N PHE A 223 9.90 20.00 7.03
CA PHE A 223 9.25 19.06 7.93
C PHE A 223 10.31 18.21 8.64
N THR A 224 9.97 17.74 9.84
CA THR A 224 10.89 16.99 10.66
C THR A 224 10.26 15.67 11.10
N GLY A 225 11.08 14.63 11.17
CA GLY A 225 10.62 13.33 11.65
C GLY A 225 9.57 12.69 10.79
N LEU A 226 9.60 12.93 9.48
CA LEU A 226 8.62 12.36 8.58
C LEU A 226 8.90 10.88 8.35
N ASN A 227 7.85 10.07 8.45
CA ASN A 227 7.94 8.62 8.21
C ASN A 227 6.78 8.25 7.29
N THR A 228 7.09 8.04 6.01
CA THR A 228 6.09 7.71 4.99
C THR A 228 4.98 8.74 4.94
N PRO A 229 5.23 9.94 4.39
CA PRO A 229 4.13 10.89 4.17
C PRO A 229 3.16 10.35 3.12
N SER A 230 1.87 10.42 3.43
CA SER A 230 0.84 9.83 2.58
C SER A 230 -0.07 10.86 1.91
N GLY A 231 -0.41 11.94 2.61
CA GLY A 231 -1.30 12.94 2.05
C GLY A 231 -0.83 14.34 2.41
N VAL A 232 -1.28 15.30 1.61
CA VAL A 232 -0.88 16.69 1.78
C VAL A 232 -2.09 17.58 1.47
N ALA A 233 -2.23 18.66 2.24
CA ALA A 233 -3.27 19.65 2.02
C ALA A 233 -2.72 21.03 2.35
N VAL A 234 -3.30 22.06 1.75
CA VAL A 234 -2.90 23.45 1.96
C VAL A 234 -4.15 24.29 2.18
N ASP A 235 -4.13 25.13 3.21
CA ASP A 235 -5.28 25.94 3.59
C ASP A 235 -5.15 27.34 2.99
N SER A 236 -6.04 28.24 3.43
CA SER A 236 -6.05 29.59 2.89
C SER A 236 -4.79 30.37 3.26
N ALA A 237 -4.30 30.19 4.49
CA ALA A 237 -3.13 30.92 4.96
C ALA A 237 -1.82 30.33 4.47
N GLY A 238 -1.86 29.32 3.59
CA GLY A 238 -0.66 28.70 3.09
C GLY A 238 -0.05 27.64 3.97
N THR A 239 -0.70 27.30 5.08
CA THR A 239 -0.19 26.24 5.95
C THR A 239 -0.36 24.88 5.28
N VAL A 240 0.69 24.06 5.35
CA VAL A 240 0.73 22.76 4.69
C VAL A 240 0.50 21.69 5.74
N TYR A 241 -0.49 20.82 5.49
CA TYR A 241 -0.85 19.73 6.37
C TYR A 241 -0.42 18.41 5.73
N VAL A 242 0.21 17.54 6.51
CA VAL A 242 0.77 16.28 6.01
C VAL A 242 0.38 15.17 6.97
N THR A 243 -0.14 14.07 6.41
CA THR A 243 -0.44 12.88 7.19
C THR A 243 0.81 12.01 7.28
N ASP A 244 1.24 11.72 8.50
CA ASP A 244 2.42 10.89 8.74
C ASP A 244 1.96 9.45 8.95
N HIS A 245 2.04 8.66 7.88
CA HIS A 245 1.62 7.26 7.94
C HIS A 245 2.40 6.51 9.03
N GLY A 246 3.73 6.50 8.92
CA GLY A 246 4.54 5.70 9.83
C GLY A 246 4.49 6.14 11.28
N ASN A 247 4.10 7.39 11.53
CA ASN A 247 4.07 7.94 12.89
C ASN A 247 2.66 8.09 13.44
N ASN A 248 1.64 7.75 12.66
CA ASN A 248 0.24 7.81 13.10
C ASN A 248 -0.11 9.20 13.63
N ARG A 249 0.29 10.22 12.87
CA ARG A 249 0.06 11.60 13.29
C ARG A 249 -0.12 12.47 12.06
N VAL A 250 -0.65 13.67 12.30
CA VAL A 250 -0.83 14.68 11.27
C VAL A 250 -0.10 15.94 11.71
N VAL A 251 0.78 16.45 10.86
CA VAL A 251 1.59 17.62 11.18
C VAL A 251 1.21 18.75 10.24
N LYS A 252 1.46 19.97 10.70
CA LYS A 252 1.21 21.16 9.89
C LYS A 252 2.39 22.11 10.01
N LEU A 253 2.63 22.86 8.94
CA LEU A 253 3.76 23.79 8.87
C LEU A 253 3.29 25.09 8.25
N ALA A 254 3.47 26.19 8.97
CA ALA A 254 3.07 27.50 8.48
C ALA A 254 4.13 28.05 7.53
N THR B 7 28.09 -10.53 -4.09
CA THR B 7 27.46 -9.85 -5.22
C THR B 7 26.06 -10.41 -5.47
N GLN B 8 25.13 -9.52 -5.81
CA GLN B 8 23.75 -9.89 -6.07
C GLN B 8 23.51 -10.09 -7.57
N THR B 9 22.37 -10.70 -7.89
CA THR B 9 22.02 -11.01 -9.26
C THR B 9 20.59 -10.59 -9.53
N VAL B 10 20.36 -9.97 -10.69
CA VAL B 10 19.03 -9.58 -11.13
C VAL B 10 18.48 -10.68 -12.03
N LEU B 11 17.26 -11.13 -11.74
CA LEU B 11 16.70 -12.26 -12.46
C LEU B 11 16.05 -11.79 -13.76
N PRO B 12 16.20 -12.56 -14.85
CA PRO B 12 15.69 -12.10 -16.15
C PRO B 12 14.18 -12.15 -16.26
N PHE B 13 13.48 -11.45 -15.37
CA PHE B 13 12.04 -11.26 -15.52
C PHE B 13 11.77 -10.10 -16.46
N THR B 14 10.73 -10.23 -17.27
CA THR B 14 10.38 -9.23 -18.27
C THR B 14 8.95 -8.74 -18.05
N GLY B 15 8.75 -7.43 -18.20
CA GLY B 15 7.42 -6.87 -18.11
C GLY B 15 6.83 -6.78 -16.72
N LEU B 16 7.67 -6.76 -15.69
CA LEU B 16 7.17 -6.65 -14.33
C LEU B 16 6.64 -5.25 -14.07
N ASN B 17 5.57 -5.16 -13.30
CA ASN B 17 4.94 -3.88 -12.96
C ASN B 17 4.58 -3.90 -11.49
N THR B 18 5.36 -3.18 -10.69
CA THR B 18 5.16 -3.07 -9.25
C THR B 18 4.94 -4.44 -8.58
N PRO B 19 5.95 -5.31 -8.61
CA PRO B 19 5.78 -6.65 -8.03
C PRO B 19 5.78 -6.62 -6.51
N SER B 20 5.04 -7.54 -5.91
CA SER B 20 4.88 -7.58 -4.46
C SER B 20 5.44 -8.84 -3.84
N GLY B 21 4.98 -10.02 -4.24
CA GLY B 21 5.33 -11.26 -3.57
C GLY B 21 6.33 -12.09 -4.35
N VAL B 22 7.07 -12.93 -3.63
CA VAL B 22 8.07 -13.80 -4.21
C VAL B 22 8.11 -15.11 -3.45
N ALA B 23 8.36 -16.21 -4.17
CA ALA B 23 8.44 -17.53 -3.57
C ALA B 23 9.34 -18.40 -4.43
N VAL B 24 9.89 -19.44 -3.82
CA VAL B 24 10.79 -20.37 -4.50
C VAL B 24 10.56 -21.78 -3.95
N ASP B 25 10.52 -22.75 -4.85
CA ASP B 25 10.26 -24.14 -4.49
C ASP B 25 11.58 -24.90 -4.34
N SER B 26 11.48 -26.23 -4.22
CA SER B 26 12.67 -27.04 -4.05
C SER B 26 13.55 -27.06 -5.29
N ALA B 27 12.95 -26.98 -6.48
CA ALA B 27 13.69 -27.04 -7.73
C ALA B 27 14.32 -25.71 -8.11
N GLY B 28 14.26 -24.70 -7.26
CA GLY B 28 14.82 -23.41 -7.55
C GLY B 28 13.97 -22.52 -8.43
N THR B 29 12.75 -22.95 -8.76
CA THR B 29 11.86 -22.12 -9.56
C THR B 29 11.33 -20.96 -8.72
N VAL B 30 11.48 -19.74 -9.22
CA VAL B 30 11.10 -18.53 -8.50
C VAL B 30 9.74 -18.07 -9.02
N TYR B 31 8.80 -17.87 -8.10
CA TYR B 31 7.49 -17.34 -8.41
C TYR B 31 7.38 -15.92 -7.88
N VAL B 32 6.87 -15.01 -8.71
CA VAL B 32 6.72 -13.61 -8.32
C VAL B 32 5.31 -13.16 -8.68
N THR B 33 4.74 -12.32 -7.82
CA THR B 33 3.41 -11.76 -8.04
C THR B 33 3.56 -10.46 -8.82
N ASP B 34 3.23 -10.49 -10.10
CA ASP B 34 3.22 -9.28 -10.93
C ASP B 34 1.96 -8.51 -10.61
N HIS B 35 2.03 -7.74 -9.52
CA HIS B 35 0.84 -7.09 -8.96
C HIS B 35 0.21 -6.13 -9.96
N GLY B 36 1.01 -5.28 -10.59
CA GLY B 36 0.48 -4.32 -11.53
C GLY B 36 -0.10 -4.91 -12.80
N ASN B 37 0.18 -6.19 -13.06
CA ASN B 37 -0.37 -6.88 -14.23
C ASN B 37 -1.39 -7.94 -13.85
N ASN B 38 -1.75 -8.06 -12.57
CA ASN B 38 -2.78 -8.99 -12.11
C ASN B 38 -2.46 -10.42 -12.54
N ARG B 39 -1.19 -10.81 -12.40
CA ARG B 39 -0.75 -12.12 -12.86
C ARG B 39 0.41 -12.59 -11.98
N VAL B 40 0.65 -13.89 -12.03
CA VAL B 40 1.78 -14.52 -11.35
C VAL B 40 2.61 -15.22 -12.42
N VAL B 41 3.89 -14.87 -12.50
CA VAL B 41 4.80 -15.49 -13.44
C VAL B 41 5.88 -16.22 -12.66
N LYS B 42 6.47 -17.22 -13.30
CA LYS B 42 7.49 -18.05 -12.68
C LYS B 42 8.68 -18.20 -13.63
N LEU B 43 9.84 -18.48 -13.03
CA LEU B 43 11.08 -18.63 -13.77
C LEU B 43 11.86 -19.80 -13.20
N ALA B 44 12.11 -20.81 -14.03
CA ALA B 44 12.87 -21.97 -13.59
C ALA B 44 14.33 -21.60 -13.35
N ALA B 45 15.00 -22.42 -12.55
CA ALA B 45 16.40 -22.18 -12.23
C ALA B 45 17.26 -22.31 -13.49
N GLY B 46 18.06 -21.29 -13.76
CA GLY B 46 18.88 -21.26 -14.95
C GLY B 46 18.18 -20.91 -16.23
N SER B 47 16.91 -20.52 -16.16
CA SER B 47 16.13 -20.17 -17.33
C SER B 47 16.00 -18.66 -17.47
N ASN B 48 15.79 -18.21 -18.71
CA ASN B 48 15.56 -16.80 -19.00
C ASN B 48 14.23 -16.54 -19.69
N THR B 49 13.40 -17.56 -19.85
CA THR B 49 12.09 -17.43 -20.46
C THR B 49 11.03 -17.70 -19.39
N GLN B 50 10.30 -16.66 -18.99
CA GLN B 50 9.31 -16.79 -17.95
C GLN B 50 7.99 -17.32 -18.52
N THR B 51 7.16 -17.85 -17.62
CA THR B 51 5.85 -18.37 -17.98
C THR B 51 4.80 -17.74 -17.07
N VAL B 52 3.63 -17.45 -17.64
CA VAL B 52 2.53 -16.87 -16.89
C VAL B 52 1.64 -17.99 -16.37
N LEU B 53 1.38 -17.98 -15.07
CA LEU B 53 0.53 -18.99 -14.47
C LEU B 53 -0.91 -18.84 -14.96
N PRO B 54 -1.67 -19.94 -15.02
CA PRO B 54 -3.02 -19.87 -15.58
C PRO B 54 -4.05 -19.23 -14.66
N PHE B 55 -3.58 -18.53 -13.62
CA PHE B 55 -4.50 -17.81 -12.75
C PHE B 55 -5.35 -16.84 -13.56
N THR B 56 -6.58 -16.63 -13.11
CA THR B 56 -7.57 -15.88 -13.87
C THR B 56 -8.41 -15.04 -12.93
N GLY B 57 -8.66 -13.79 -13.31
CA GLY B 57 -9.49 -12.92 -12.52
C GLY B 57 -8.83 -12.34 -11.30
N LEU B 58 -7.50 -12.39 -11.22
CA LEU B 58 -6.79 -11.82 -10.09
C LEU B 58 -6.99 -10.31 -10.04
N ASN B 59 -7.26 -9.80 -8.85
CA ASN B 59 -7.47 -8.37 -8.63
C ASN B 59 -6.41 -7.88 -7.64
N THR B 60 -5.44 -7.12 -8.14
CA THR B 60 -4.36 -6.53 -7.36
C THR B 60 -3.74 -7.55 -6.40
N PRO B 61 -3.18 -8.65 -6.90
CA PRO B 61 -2.67 -9.70 -6.01
C PRO B 61 -1.38 -9.28 -5.33
N SER B 62 -1.20 -9.77 -4.10
CA SER B 62 -0.03 -9.42 -3.30
C SER B 62 0.84 -10.61 -2.95
N GLY B 63 0.30 -11.64 -2.30
CA GLY B 63 1.09 -12.72 -1.76
C GLY B 63 1.16 -13.94 -2.67
N VAL B 64 2.22 -14.71 -2.50
CA VAL B 64 2.42 -15.94 -3.26
C VAL B 64 3.20 -16.92 -2.40
N ALA B 65 2.83 -18.21 -2.48
CA ALA B 65 3.52 -19.26 -1.74
C ALA B 65 3.47 -20.54 -2.56
N VAL B 66 4.37 -21.46 -2.22
CA VAL B 66 4.48 -22.74 -2.92
C VAL B 66 4.81 -23.83 -1.90
N ASP B 67 4.13 -24.96 -2.00
CA ASP B 67 4.32 -26.06 -1.06
C ASP B 67 5.33 -27.06 -1.62
N SER B 68 5.42 -28.23 -0.97
CA SER B 68 6.37 -29.25 -1.41
C SER B 68 5.99 -29.84 -2.76
N ALA B 69 4.69 -30.03 -3.00
CA ALA B 69 4.20 -30.64 -4.24
C ALA B 69 4.20 -29.68 -5.41
N GLY B 70 4.75 -28.48 -5.27
CA GLY B 70 4.77 -27.50 -6.33
C GLY B 70 3.47 -26.72 -6.49
N THR B 71 2.49 -26.95 -5.64
CA THR B 71 1.23 -26.22 -5.71
C THR B 71 1.44 -24.76 -5.31
N VAL B 72 0.96 -23.85 -6.15
CA VAL B 72 1.18 -22.42 -5.95
C VAL B 72 -0.08 -21.81 -5.34
N TYR B 73 0.10 -20.98 -4.31
CA TYR B 73 -0.99 -20.26 -3.67
C TYR B 73 -0.74 -18.76 -3.84
N VAL B 74 -1.78 -18.04 -4.26
CA VAL B 74 -1.70 -16.60 -4.48
C VAL B 74 -2.79 -15.92 -3.68
N THR B 75 -2.48 -14.75 -3.13
CA THR B 75 -3.45 -13.95 -2.38
C THR B 75 -4.14 -13.00 -3.36
N ASP B 76 -5.39 -13.33 -3.72
CA ASP B 76 -6.21 -12.46 -4.57
C ASP B 76 -6.73 -11.32 -3.69
N HIS B 77 -5.86 -10.32 -3.49
CA HIS B 77 -6.11 -9.28 -2.50
C HIS B 77 -7.37 -8.50 -2.83
N GLY B 78 -7.52 -8.06 -4.08
CA GLY B 78 -8.69 -7.27 -4.46
C GLY B 78 -9.99 -8.04 -4.42
N ASN B 79 -9.95 -9.36 -4.53
CA ASN B 79 -11.13 -10.20 -4.45
C ASN B 79 -11.30 -10.85 -3.08
N ASN B 80 -10.42 -10.54 -2.13
CA ASN B 80 -10.52 -11.02 -0.75
C ASN B 80 -10.58 -12.55 -0.70
N ARG B 81 -9.65 -13.20 -1.39
CA ARG B 81 -9.62 -14.65 -1.43
C ARG B 81 -8.21 -15.10 -1.75
N VAL B 82 -7.99 -16.41 -1.60
CA VAL B 82 -6.73 -17.06 -1.92
C VAL B 82 -7.00 -18.19 -2.90
N VAL B 83 -6.30 -18.19 -4.02
CA VAL B 83 -6.51 -19.16 -5.09
C VAL B 83 -5.38 -20.16 -5.08
N LYS B 84 -5.72 -21.44 -5.23
CA LYS B 84 -4.77 -22.53 -5.25
C LYS B 84 -4.64 -23.09 -6.66
N LEU B 85 -3.41 -23.37 -7.08
CA LEU B 85 -3.12 -23.95 -8.39
C LEU B 85 -2.29 -25.21 -8.19
N ALA B 86 -2.89 -26.37 -8.41
CA ALA B 86 -2.16 -27.62 -8.29
C ALA B 86 -1.10 -27.74 -9.38
N ALA B 87 0.01 -28.41 -9.04
CA ALA B 87 1.11 -28.53 -9.98
C ALA B 87 0.85 -29.64 -11.00
N GLY B 88 0.22 -30.73 -10.58
CA GLY B 88 -0.05 -31.84 -11.48
C GLY B 88 -1.02 -31.49 -12.59
N SER B 89 -2.27 -31.26 -12.24
CA SER B 89 -3.28 -30.84 -13.20
C SER B 89 -3.36 -29.32 -13.25
N ASN B 90 -4.30 -28.81 -14.03
CA ASN B 90 -4.61 -27.39 -14.07
C ASN B 90 -5.71 -27.03 -13.08
N THR B 91 -5.98 -27.90 -12.11
CA THR B 91 -7.08 -27.70 -11.17
C THR B 91 -6.82 -26.47 -10.30
N GLN B 92 -7.72 -25.50 -10.39
CA GLN B 92 -7.67 -24.30 -9.56
C GLN B 92 -8.81 -24.34 -8.55
N THR B 93 -8.53 -23.85 -7.35
CA THR B 93 -9.52 -23.86 -6.27
C THR B 93 -9.36 -22.59 -5.44
N VAL B 94 -10.47 -21.89 -5.22
CA VAL B 94 -10.48 -20.78 -4.26
C VAL B 94 -10.62 -21.37 -2.87
N LEU B 95 -9.61 -21.15 -2.04
CA LEU B 95 -9.60 -21.75 -0.70
C LEU B 95 -10.81 -21.26 0.10
N PRO B 96 -11.45 -22.13 0.87
CA PRO B 96 -12.68 -21.74 1.56
C PRO B 96 -12.45 -20.85 2.77
N PHE B 97 -11.71 -19.75 2.57
CA PHE B 97 -11.58 -18.75 3.62
C PHE B 97 -12.84 -17.88 3.67
N THR B 98 -13.14 -17.38 4.86
CA THR B 98 -14.33 -16.58 5.09
C THR B 98 -13.98 -15.27 5.77
N GLY B 99 -14.69 -14.21 5.43
CA GLY B 99 -14.52 -12.93 6.09
C GLY B 99 -13.19 -12.26 5.85
N LEU B 100 -12.50 -12.62 4.77
CA LEU B 100 -11.22 -11.98 4.47
C LEU B 100 -11.44 -10.53 4.06
N ASN B 101 -10.52 -9.66 4.49
CA ASN B 101 -10.60 -8.24 4.18
C ASN B 101 -9.20 -7.76 3.82
N THR B 102 -9.00 -7.44 2.55
CA THR B 102 -7.71 -6.98 2.03
C THR B 102 -6.54 -7.84 2.50
N PRO B 103 -6.53 -9.13 2.21
CA PRO B 103 -5.44 -9.99 2.68
C PRO B 103 -4.15 -9.71 1.93
N SER B 104 -3.03 -9.86 2.64
N SER B 104 -3.03 -9.86 2.64
CA SER B 104 -1.71 -9.55 2.08
CA SER B 104 -1.72 -9.55 2.07
C SER B 104 -0.82 -10.78 1.98
C SER B 104 -0.82 -10.78 1.98
N GLY B 105 -0.55 -11.46 3.09
CA GLY B 105 0.43 -12.53 3.12
C GLY B 105 -0.18 -13.91 2.99
N VAL B 106 0.64 -14.85 2.51
CA VAL B 106 0.23 -16.25 2.38
C VAL B 106 1.45 -17.14 2.56
N ALA B 107 1.24 -18.30 3.17
CA ALA B 107 2.30 -19.27 3.39
C ALA B 107 1.66 -20.64 3.57
N VAL B 108 2.49 -21.67 3.48
CA VAL B 108 2.04 -23.06 3.61
C VAL B 108 3.16 -23.88 4.23
N ASP B 109 2.79 -24.78 5.14
CA ASP B 109 3.75 -25.63 5.82
C ASP B 109 3.85 -26.98 5.12
N SER B 110 4.56 -27.93 5.75
CA SER B 110 4.74 -29.24 5.15
C SER B 110 3.46 -30.06 5.15
N ALA B 111 2.58 -29.82 6.12
CA ALA B 111 1.34 -30.58 6.22
C ALA B 111 0.24 -30.08 5.29
N GLY B 112 0.51 -29.07 4.48
CA GLY B 112 -0.48 -28.53 3.58
C GLY B 112 -1.38 -27.46 4.16
N THR B 113 -1.16 -27.07 5.41
CA THR B 113 -1.97 -26.01 6.01
C THR B 113 -1.56 -24.66 5.45
N VAL B 114 -2.53 -23.90 4.95
CA VAL B 114 -2.28 -22.60 4.34
C VAL B 114 -2.58 -21.52 5.36
N TYR B 115 -1.64 -20.60 5.52
CA TYR B 115 -1.79 -19.45 6.42
C TYR B 115 -1.86 -18.18 5.57
N VAL B 116 -2.85 -17.34 5.84
CA VAL B 116 -3.03 -16.09 5.12
C VAL B 116 -3.17 -14.95 6.13
N THR B 117 -2.49 -13.84 5.86
CA THR B 117 -2.55 -12.67 6.71
C THR B 117 -3.79 -11.86 6.34
N ASP B 118 -4.81 -11.90 7.20
CA ASP B 118 -6.01 -11.09 7.01
C ASP B 118 -5.69 -9.68 7.47
N HIS B 119 -5.11 -8.90 6.56
CA HIS B 119 -4.55 -7.61 6.91
C HIS B 119 -5.63 -6.65 7.40
N GLY B 120 -6.76 -6.59 6.68
CA GLY B 120 -7.82 -5.68 7.06
C GLY B 120 -8.49 -6.01 8.38
N ASN B 121 -8.34 -7.24 8.86
CA ASN B 121 -8.91 -7.66 10.13
C ASN B 121 -7.87 -7.83 11.23
N ASN B 122 -6.60 -7.51 10.95
CA ASN B 122 -5.52 -7.59 11.95
C ASN B 122 -5.44 -8.97 12.58
N ARG B 123 -5.46 -10.00 11.74
CA ARG B 123 -5.47 -11.37 12.22
C ARG B 123 -4.80 -12.26 11.18
N VAL B 124 -4.40 -13.45 11.63
CA VAL B 124 -3.86 -14.49 10.76
C VAL B 124 -4.74 -15.72 10.91
N VAL B 125 -5.26 -16.22 9.79
CA VAL B 125 -6.16 -17.36 9.79
C VAL B 125 -5.55 -18.48 8.96
N LYS B 126 -5.79 -19.72 9.38
CA LYS B 126 -5.23 -20.88 8.73
C LYS B 126 -6.35 -21.84 8.29
N LEU B 127 -6.04 -22.63 7.27
CA LEU B 127 -6.96 -23.63 6.74
C LEU B 127 -6.21 -24.94 6.57
N ALA B 128 -6.68 -25.99 7.24
CA ALA B 128 -6.06 -27.30 7.13
C ALA B 128 -6.31 -27.89 5.74
N ALA B 129 -5.43 -28.79 5.34
CA ALA B 129 -5.53 -29.41 4.02
C ALA B 129 -6.82 -30.22 3.91
N GLY B 130 -7.68 -29.82 2.97
CA GLY B 130 -8.96 -30.46 2.79
C GLY B 130 -10.03 -30.04 3.78
N SER B 131 -9.79 -29.01 4.57
CA SER B 131 -10.74 -28.54 5.57
C SER B 131 -11.58 -27.41 5.01
N ASN B 132 -12.82 -27.33 5.48
CA ASN B 132 -13.74 -26.25 5.11
C ASN B 132 -13.96 -25.27 6.25
N THR B 133 -13.35 -25.49 7.41
CA THR B 133 -13.51 -24.62 8.58
C THR B 133 -12.16 -23.98 8.90
N GLN B 134 -12.11 -22.65 8.78
CA GLN B 134 -10.88 -21.92 9.07
C GLN B 134 -10.75 -21.68 10.58
N THR B 135 -9.52 -21.44 11.00
CA THR B 135 -9.20 -21.20 12.40
C THR B 135 -8.34 -19.95 12.52
N VAL B 136 -8.78 -19.02 13.36
CA VAL B 136 -8.02 -17.79 13.62
C VAL B 136 -6.89 -18.10 14.59
N LEU B 137 -5.68 -17.66 14.25
CA LEU B 137 -4.54 -17.92 15.11
C LEU B 137 -4.61 -17.03 16.35
N PRO B 138 -4.21 -17.53 17.51
CA PRO B 138 -4.35 -16.72 18.73
C PRO B 138 -3.32 -15.60 18.84
N PHE B 139 -3.22 -14.76 17.82
CA PHE B 139 -2.38 -13.57 17.90
C PHE B 139 -3.11 -12.47 18.64
N THR B 140 -2.34 -11.58 19.26
CA THR B 140 -2.90 -10.47 20.03
C THR B 140 -2.19 -9.18 19.65
N GLY B 141 -2.97 -8.16 19.28
CA GLY B 141 -2.42 -6.84 19.05
C GLY B 141 -1.74 -6.65 17.71
N LEU B 142 -2.16 -7.38 16.69
CA LEU B 142 -1.60 -7.16 15.36
C LEU B 142 -2.10 -5.84 14.79
N ASN B 143 -1.19 -5.11 14.13
CA ASN B 143 -1.50 -3.80 13.57
C ASN B 143 -1.10 -3.80 12.10
N THR B 144 -2.10 -3.86 11.21
CA THR B 144 -1.92 -3.87 9.77
C THR B 144 -0.82 -4.85 9.34
N PRO B 145 -0.96 -6.14 9.64
CA PRO B 145 0.11 -7.10 9.32
C PRO B 145 0.21 -7.34 7.83
N SER B 146 1.44 -7.61 7.38
CA SER B 146 1.72 -7.74 5.94
C SER B 146 2.15 -9.15 5.55
N GLY B 147 3.22 -9.67 6.12
CA GLY B 147 3.81 -10.92 5.67
C GLY B 147 3.64 -12.04 6.70
N VAL B 148 3.63 -13.27 6.21
CA VAL B 148 3.48 -14.45 7.06
C VAL B 148 4.41 -15.54 6.54
N ALA B 149 4.91 -16.34 7.47
CA ALA B 149 5.80 -17.44 7.14
C ALA B 149 5.65 -18.53 8.19
N VAL B 150 6.08 -19.74 7.83
CA VAL B 150 5.99 -20.90 8.72
C VAL B 150 7.21 -21.79 8.47
N ASP B 151 7.84 -22.24 9.56
CA ASP B 151 9.01 -23.08 9.49
C ASP B 151 8.63 -24.56 9.58
N SER B 152 9.63 -25.43 9.73
CA SER B 152 9.37 -26.86 9.78
C SER B 152 8.63 -27.26 11.05
N ALA B 153 8.94 -26.60 12.16
CA ALA B 153 8.32 -26.93 13.45
C ALA B 153 6.90 -26.39 13.58
N GLY B 154 6.37 -25.74 12.55
CA GLY B 154 5.03 -25.20 12.61
C GLY B 154 4.91 -23.83 13.23
N THR B 155 6.02 -23.20 13.59
CA THR B 155 5.97 -21.86 14.16
C THR B 155 5.63 -20.84 13.09
N VAL B 156 4.60 -20.04 13.34
CA VAL B 156 4.12 -19.04 12.39
C VAL B 156 4.76 -17.70 12.71
N TYR B 157 5.35 -17.08 11.70
CA TYR B 157 5.97 -15.76 11.83
C TYR B 157 5.16 -14.75 11.02
N VAL B 158 4.85 -13.62 11.64
CA VAL B 158 4.06 -12.57 11.00
C VAL B 158 4.76 -11.24 11.20
N THR B 159 4.74 -10.40 10.16
CA THR B 159 5.31 -9.07 10.23
C THR B 159 4.24 -8.10 10.71
N ASP B 160 4.35 -7.67 11.97
CA ASP B 160 3.46 -6.66 12.53
C ASP B 160 3.87 -5.31 11.93
N HIS B 161 3.39 -5.05 10.72
CA HIS B 161 3.87 -3.91 9.94
C HIS B 161 3.53 -2.59 10.62
N GLY B 162 2.34 -2.48 11.20
CA GLY B 162 1.97 -1.25 11.89
C GLY B 162 2.71 -1.03 13.20
N ASN B 163 3.28 -2.09 13.77
CA ASN B 163 4.04 -2.00 15.00
C ASN B 163 5.55 -2.08 14.78
N ASN B 164 5.99 -2.15 13.53
CA ASN B 164 7.42 -2.19 13.18
C ASN B 164 8.14 -3.32 13.90
N ARG B 165 7.51 -4.49 13.96
CA ARG B 165 8.07 -5.62 14.66
C ARG B 165 7.65 -6.91 13.96
N VAL B 166 8.34 -8.00 14.32
CA VAL B 166 8.05 -9.33 13.81
C VAL B 166 7.62 -10.20 14.97
N VAL B 167 6.47 -10.84 14.84
CA VAL B 167 5.88 -11.65 15.91
C VAL B 167 5.82 -13.10 15.45
N LYS B 168 6.16 -14.02 16.35
CA LYS B 168 6.11 -15.44 16.07
C LYS B 168 5.21 -16.14 17.07
N LEU B 169 4.73 -17.32 16.68
CA LEU B 169 3.82 -18.10 17.52
C LEU B 169 4.07 -19.58 17.22
N ALA B 170 4.51 -20.32 18.24
CA ALA B 170 4.79 -21.73 18.06
C ALA B 170 3.50 -22.51 17.84
N ALA B 171 3.65 -23.72 17.30
CA ALA B 171 2.51 -24.60 17.09
C ALA B 171 1.93 -25.03 18.43
N GLY B 172 0.63 -24.82 18.61
CA GLY B 172 -0.01 -25.02 19.89
C GLY B 172 0.17 -23.89 20.87
N SER B 173 1.15 -23.01 20.64
CA SER B 173 1.36 -21.86 21.51
C SER B 173 0.21 -20.88 21.39
N ASN B 174 -0.20 -20.31 22.52
CA ASN B 174 -1.12 -19.19 22.55
C ASN B 174 -0.47 -17.95 23.15
N THR B 175 0.85 -17.97 23.31
CA THR B 175 1.61 -16.84 23.84
C THR B 175 2.63 -16.44 22.78
N GLN B 176 2.39 -15.30 22.13
CA GLN B 176 3.28 -14.82 21.09
C GLN B 176 4.49 -14.13 21.69
N THR B 177 5.59 -14.13 20.93
CA THR B 177 6.83 -13.49 21.33
C THR B 177 7.31 -12.56 20.22
N VAL B 178 7.87 -11.42 20.62
CA VAL B 178 8.37 -10.44 19.66
C VAL B 178 9.83 -10.75 19.37
N LEU B 179 10.16 -10.86 18.09
CA LEU B 179 11.54 -11.14 17.70
C LEU B 179 12.42 -9.91 17.98
N PRO B 180 13.62 -10.11 18.52
CA PRO B 180 14.46 -8.96 18.88
C PRO B 180 15.08 -8.25 17.69
N PHE B 181 14.25 -7.77 16.77
CA PHE B 181 14.72 -6.93 15.69
C PHE B 181 14.85 -5.49 16.18
N THR B 182 15.73 -4.73 15.52
CA THR B 182 15.97 -3.34 15.88
C THR B 182 15.94 -2.46 14.64
N GLY B 183 15.42 -1.25 14.81
CA GLY B 183 15.41 -0.27 13.73
C GLY B 183 14.52 -0.60 12.57
N LEU B 184 13.51 -1.45 12.77
CA LEU B 184 12.59 -1.77 11.69
C LEU B 184 11.67 -0.59 11.40
N ASN B 185 11.39 -0.37 10.12
CA ASN B 185 10.53 0.72 9.69
C ASN B 185 9.59 0.19 8.61
N THR B 186 8.33 -0.01 8.99
CA THR B 186 7.27 -0.51 8.11
C THR B 186 7.72 -1.75 7.34
N PRO B 187 7.96 -2.88 8.02
CA PRO B 187 8.38 -4.08 7.31
C PRO B 187 7.22 -4.73 6.56
N SER B 188 7.55 -5.39 5.45
CA SER B 188 6.53 -5.99 4.58
C SER B 188 6.61 -7.50 4.53
N GLY B 189 7.74 -8.06 4.13
CA GLY B 189 7.82 -9.50 3.90
C GLY B 189 8.64 -10.24 4.94
N VAL B 190 8.37 -11.54 5.08
CA VAL B 190 9.09 -12.39 6.03
C VAL B 190 9.30 -13.76 5.39
N ALA B 191 10.45 -14.35 5.66
CA ALA B 191 10.78 -15.68 5.14
C ALA B 191 11.58 -16.43 6.20
N VAL B 192 11.54 -17.76 6.11
CA VAL B 192 12.20 -18.63 7.08
C VAL B 192 12.89 -19.76 6.33
N ASP B 193 14.13 -20.06 6.73
CA ASP B 193 14.93 -21.10 6.11
C ASP B 193 14.94 -22.36 6.98
N SER B 194 15.80 -23.32 6.61
CA SER B 194 15.86 -24.57 7.33
C SER B 194 16.47 -24.40 8.73
N ALA B 195 17.49 -23.55 8.85
CA ALA B 195 18.24 -23.40 10.09
C ALA B 195 17.58 -22.47 11.09
N GLY B 196 16.32 -22.09 10.88
CA GLY B 196 15.64 -21.22 11.81
C GLY B 196 16.02 -19.76 11.71
N THR B 197 16.49 -19.30 10.55
CA THR B 197 16.84 -17.91 10.35
C THR B 197 15.66 -17.18 9.73
N VAL B 198 15.25 -16.07 10.36
CA VAL B 198 14.12 -15.28 9.92
C VAL B 198 14.63 -14.10 9.11
N TYR B 199 14.11 -13.94 7.89
CA TYR B 199 14.47 -12.85 7.00
C TYR B 199 13.29 -11.91 6.86
N VAL B 200 13.53 -10.61 7.03
CA VAL B 200 12.49 -9.60 6.98
C VAL B 200 12.90 -8.50 6.01
N THR B 201 11.95 -8.02 5.21
CA THR B 201 12.18 -6.90 4.31
C THR B 201 11.91 -5.61 5.07
N ASP B 202 12.97 -4.89 5.41
CA ASP B 202 12.85 -3.55 6.01
C ASP B 202 12.49 -2.59 4.88
N HIS B 203 11.20 -2.54 4.57
CA HIS B 203 10.73 -1.77 3.42
C HIS B 203 11.07 -0.30 3.53
N GLY B 204 10.88 0.28 4.72
CA GLY B 204 11.16 1.69 4.92
C GLY B 204 12.63 2.05 4.89
N ASN B 205 13.53 1.07 5.01
CA ASN B 205 14.96 1.32 5.01
C ASN B 205 15.66 0.81 3.75
N ASN B 206 14.91 0.27 2.79
CA ASN B 206 15.47 -0.23 1.53
C ASN B 206 16.56 -1.27 1.78
N ARG B 207 16.35 -2.13 2.77
CA ARG B 207 17.32 -3.13 3.14
C ARG B 207 16.61 -4.41 3.54
N VAL B 208 17.38 -5.50 3.65
CA VAL B 208 16.87 -6.79 4.06
C VAL B 208 17.68 -7.23 5.27
N VAL B 209 17.01 -7.38 6.41
CA VAL B 209 17.65 -7.79 7.65
C VAL B 209 17.27 -9.24 7.96
N LYS B 210 18.10 -9.88 8.77
CA LYS B 210 17.86 -11.27 9.16
C LYS B 210 18.32 -11.48 10.59
N LEU B 211 17.75 -12.49 11.23
CA LEU B 211 18.04 -12.81 12.62
C LEU B 211 18.10 -14.32 12.77
N ALA B 212 19.25 -14.83 13.23
CA ALA B 212 19.40 -16.26 13.44
C ALA B 212 18.58 -16.71 14.64
N ALA B 213 18.36 -18.03 14.71
CA ALA B 213 17.60 -18.60 15.81
C ALA B 213 18.37 -18.47 17.12
N GLY B 214 17.75 -17.87 18.12
CA GLY B 214 18.35 -17.65 19.41
C GLY B 214 19.16 -16.38 19.52
N SER B 215 19.70 -15.88 18.42
CA SER B 215 20.48 -14.67 18.44
C SER B 215 19.58 -13.45 18.68
N ASN B 216 20.14 -12.45 19.36
CA ASN B 216 19.39 -11.26 19.71
C ASN B 216 19.78 -10.04 18.87
N THR B 217 20.85 -10.12 18.11
CA THR B 217 21.29 -9.02 17.25
C THR B 217 21.19 -9.45 15.79
N GLN B 218 20.84 -8.50 14.93
CA GLN B 218 20.53 -8.77 13.53
C GLN B 218 21.70 -8.36 12.63
N THR B 219 21.63 -8.83 11.37
CA THR B 219 22.58 -8.47 10.35
C THR B 219 21.83 -7.99 9.10
N VAL B 220 22.44 -7.05 8.39
CA VAL B 220 21.85 -6.49 7.18
C VAL B 220 22.49 -7.16 5.98
N LEU B 221 21.66 -7.68 5.08
CA LEU B 221 22.17 -8.39 3.92
C LEU B 221 22.83 -7.41 2.94
N PRO B 222 23.92 -7.81 2.29
CA PRO B 222 24.65 -6.90 1.39
C PRO B 222 23.94 -6.69 0.05
N PHE B 223 22.72 -6.17 0.13
CA PHE B 223 21.97 -5.79 -1.07
C PHE B 223 22.32 -4.36 -1.46
N THR B 224 22.22 -4.08 -2.76
CA THR B 224 22.53 -2.76 -3.28
C THR B 224 21.41 -2.31 -4.22
N GLY B 225 21.20 -0.99 -4.27
CA GLY B 225 20.22 -0.42 -5.17
C GLY B 225 18.78 -0.81 -4.90
N LEU B 226 18.46 -1.20 -3.67
CA LEU B 226 17.10 -1.58 -3.33
C LEU B 226 16.22 -0.34 -3.18
N ASN B 227 14.99 -0.42 -3.71
CA ASN B 227 14.05 0.68 -3.69
C ASN B 227 12.68 0.15 -3.27
N THR B 228 12.29 0.42 -2.03
CA THR B 228 11.01 0.02 -1.46
C THR B 228 10.73 -1.46 -1.67
N PRO B 229 11.50 -2.35 -1.02
CA PRO B 229 11.29 -3.79 -1.23
C PRO B 229 10.02 -4.28 -0.54
N SER B 230 9.43 -5.32 -1.12
CA SER B 230 8.16 -5.85 -0.62
C SER B 230 8.28 -7.27 -0.11
N GLY B 231 8.72 -8.22 -0.92
CA GLY B 231 8.72 -9.62 -0.54
C GLY B 231 10.09 -10.24 -0.41
N VAL B 232 10.18 -11.38 0.26
CA VAL B 232 11.44 -12.07 0.48
C VAL B 232 11.18 -13.57 0.50
N ALA B 233 12.12 -14.34 -0.06
CA ALA B 233 12.03 -15.78 -0.08
C ALA B 233 13.43 -16.37 0.01
N VAL B 234 13.51 -17.58 0.58
CA VAL B 234 14.78 -18.28 0.76
C VAL B 234 14.61 -19.71 0.27
N ASP B 235 15.64 -20.22 -0.42
CA ASP B 235 15.62 -21.57 -0.97
C ASP B 235 16.43 -22.50 -0.07
N SER B 236 16.66 -23.72 -0.55
CA SER B 236 17.38 -24.71 0.25
C SER B 236 18.83 -24.32 0.46
N ALA B 237 19.47 -23.75 -0.58
CA ALA B 237 20.88 -23.39 -0.51
C ALA B 237 21.13 -22.09 0.25
N GLY B 238 20.12 -21.54 0.92
CA GLY B 238 20.30 -20.29 1.64
C GLY B 238 20.28 -19.04 0.80
N THR B 239 19.99 -19.17 -0.51
CA THR B 239 19.95 -18.00 -1.37
C THR B 239 18.69 -17.18 -1.08
N VAL B 240 18.86 -15.87 -0.93
CA VAL B 240 17.79 -14.97 -0.57
C VAL B 240 17.30 -14.25 -1.83
N TYR B 241 15.98 -14.28 -2.03
CA TYR B 241 15.34 -13.57 -3.13
C TYR B 241 14.50 -12.44 -2.55
N VAL B 242 14.59 -11.25 -3.16
CA VAL B 242 13.84 -10.09 -2.72
C VAL B 242 13.21 -9.44 -3.94
N THR B 243 12.01 -8.90 -3.78
CA THR B 243 11.31 -8.19 -4.84
C THR B 243 11.61 -6.71 -4.70
N ASP B 244 12.47 -6.19 -5.59
CA ASP B 244 12.74 -4.75 -5.65
C ASP B 244 11.54 -4.09 -6.31
N HIS B 245 10.53 -3.81 -5.48
CA HIS B 245 9.24 -3.34 -5.98
C HIS B 245 9.40 -2.01 -6.72
N GLY B 246 10.15 -1.07 -6.15
CA GLY B 246 10.33 0.21 -6.79
C GLY B 246 11.13 0.17 -8.08
N ASN B 247 11.85 -0.92 -8.32
CA ASN B 247 12.64 -1.07 -9.53
C ASN B 247 12.08 -2.11 -10.49
N ASN B 248 10.93 -2.72 -10.17
CA ASN B 248 10.26 -3.68 -11.05
C ASN B 248 11.20 -4.83 -11.41
N ARG B 249 11.78 -5.45 -10.40
CA ARG B 249 12.75 -6.53 -10.61
C ARG B 249 12.81 -7.41 -9.37
N VAL B 250 13.38 -8.59 -9.54
CA VAL B 250 13.65 -9.51 -8.45
C VAL B 250 15.16 -9.73 -8.38
N VAL B 251 15.73 -9.52 -7.19
CA VAL B 251 17.17 -9.58 -6.98
C VAL B 251 17.49 -10.81 -6.13
N LYS B 252 18.52 -11.55 -6.54
CA LYS B 252 18.98 -12.75 -5.86
C LYS B 252 20.35 -12.53 -5.25
N LEU B 253 20.54 -13.03 -4.04
CA LEU B 253 21.81 -12.94 -3.33
C LEU B 253 22.18 -14.33 -2.83
N ALA B 254 23.25 -14.90 -3.38
CA ALA B 254 23.68 -16.23 -2.98
C ALA B 254 24.21 -16.21 -1.55
N ALA B 255 23.69 -17.11 -0.72
CA ALA B 255 24.10 -17.18 0.68
C ALA B 255 23.88 -18.59 1.23
#